data_4DZT
#
_entry.id   4DZT
#
_cell.length_a   40.906
_cell.length_b   64.480
_cell.length_c   45.716
_cell.angle_alpha   90.00
_cell.angle_beta   109.10
_cell.angle_gamma   90.00
#
_symmetry.space_group_name_H-M   'P 1 21 1'
#
loop_
_entity.id
_entity.type
_entity.pdbx_description
1 polymer Aqualysin-1
2 non-polymer 'phenylmethanesulfonic acid'
3 non-polymer 'CALCIUM ION'
4 water water
#
_entity_poly.entity_id   1
_entity_poly.type   'polypeptide(L)'
_entity_poly.pdbx_seq_one_letter_code
;ATQSPAPWGLDRIDQRDLPLSNSYTYTATGRGVNVYVIDTGIRTTHREFGGRARVGYDALGGNGQDCNGHGTHVAGTIGG
VTYGVAKAVNLYAVRVLDCNGSGSTSGVIAGVDWVTRNHRRPAVANMSLGGGVSTALDNAVKNSIAAGVVYAVAAGNDNA
NACNYSPARVAEALTVGATTSSDARASFSNYGSCVDLFAPGASIPSAWYTSDTATQTLNGTSMATPHVAGVAALYLEQNP
SATPASVASAILNGATTGRLSGIGSGSPNRLLYSLL
;
_entity_poly.pdbx_strand_id   A
#
loop_
_chem_comp.id
_chem_comp.type
_chem_comp.name
_chem_comp.formula
CA non-polymer 'CALCIUM ION' 'Ca 2'
PMS non-polymer 'phenylmethanesulfonic acid' 'C7 H8 O3 S'
#
# COMPACT_ATOMS: atom_id res chain seq x y z
N ALA A 1 3.11 0.38 21.74
CA ALA A 1 4.54 0.05 21.76
C ALA A 1 5.24 1.12 20.94
N THR A 2 6.52 1.39 21.19
CA THR A 2 7.15 2.41 20.31
C THR A 2 8.41 1.81 19.69
N GLN A 3 8.58 1.96 18.39
CA GLN A 3 9.80 1.51 17.72
C GLN A 3 10.77 2.67 17.55
N SER A 4 11.98 2.58 18.08
CA SER A 4 12.95 3.65 17.90
C SER A 4 14.35 3.07 17.93
N PRO A 5 15.21 3.35 16.98
CA PRO A 5 14.92 4.18 15.80
C PRO A 5 14.01 3.49 14.79
N ALA A 6 13.61 4.21 13.76
CA ALA A 6 12.65 3.70 12.81
C ALA A 6 12.87 4.29 11.40
N PRO A 7 12.45 3.53 10.40
CA PRO A 7 12.46 3.97 9.01
C PRO A 7 11.75 5.31 8.88
N TRP A 8 12.17 6.24 8.00
CA TRP A 8 11.61 7.58 8.12
C TRP A 8 10.13 7.59 7.81
N GLY A 9 9.69 6.73 6.89
CA GLY A 9 8.26 6.76 6.52
C GLY A 9 7.35 6.38 7.67
N LEU A 10 7.64 5.31 8.41
CA LEU A 10 6.94 5.01 9.64
C LEU A 10 7.01 6.20 10.61
N ASP A 11 8.23 6.70 10.76
CA ASP A 11 8.49 7.84 11.65
C ASP A 11 7.55 9.00 11.36
N ARG A 12 7.36 9.30 10.08
CA ARG A 12 6.61 10.50 9.69
C ARG A 12 5.13 10.35 9.97
N ILE A 13 4.59 9.14 9.85
CA ILE A 13 3.12 9.10 9.88
C ILE A 13 2.52 9.01 11.27
N ASP A 14 3.33 8.88 12.35
CA ASP A 14 2.67 8.89 13.66
C ASP A 14 2.76 10.25 14.31
N GLN A 15 3.06 11.29 13.53
CA GLN A 15 3.06 12.65 14.07
C GLN A 15 2.50 13.62 13.02
N ARG A 16 2.02 14.77 13.49
CA ARG A 16 1.54 15.75 12.52
C ARG A 16 2.64 16.60 11.92
N ASP A 17 3.64 17.01 12.69
CA ASP A 17 4.60 17.97 12.15
C ASP A 17 6.05 17.50 12.23
N LEU A 18 6.88 18.10 11.39
CA LEU A 18 8.34 17.90 11.47
C LEU A 18 8.85 18.66 12.68
N PRO A 19 10.04 18.42 13.19
CA PRO A 19 10.95 17.42 12.64
C PRO A 19 10.64 15.98 13.06
N LEU A 20 11.21 15.05 12.30
CA LEU A 20 11.02 13.63 12.62
C LEU A 20 11.48 13.29 14.03
N SER A 21 10.84 12.31 14.67
CA SER A 21 11.17 11.97 16.05
C SER A 21 12.13 10.79 16.17
N ASN A 22 12.41 10.12 15.06
CA ASN A 22 13.12 8.85 15.00
C ASN A 22 12.39 7.78 15.82
N SER A 23 11.05 7.87 15.84
CA SER A 23 10.25 6.91 16.55
C SER A 23 8.88 6.69 15.91
N TYR A 24 8.44 5.43 15.98
CA TYR A 24 7.15 5.06 15.44
C TYR A 24 6.33 4.36 16.54
N THR A 25 5.25 5.02 16.91
CA THR A 25 4.41 4.46 17.97
C THR A 25 3.18 3.79 17.37
N TYR A 26 2.77 2.64 17.91
CA TYR A 26 1.58 1.96 17.39
C TYR A 26 0.77 1.38 18.53
N THR A 27 -0.55 1.52 18.48
CA THR A 27 -1.40 0.98 19.54
C THR A 27 -2.13 -0.27 19.07
N ALA A 28 -1.96 -0.60 17.79
CA ALA A 28 -2.50 -1.81 17.18
C ALA A 28 -1.41 -2.38 16.29
N THR A 29 -1.61 -3.60 15.80
CA THR A 29 -0.67 -4.31 14.98
C THR A 29 -1.32 -4.92 13.74
N GLY A 30 -2.62 -4.82 13.56
CA GLY A 30 -3.29 -5.45 12.44
C GLY A 30 -3.49 -6.94 12.64
N ARG A 31 -3.42 -7.39 13.89
CA ARG A 31 -3.51 -8.81 14.20
C ARG A 31 -4.87 -9.30 13.73
N GLY A 32 -4.92 -10.43 13.04
CA GLY A 32 -6.18 -10.95 12.52
C GLY A 32 -6.65 -10.31 11.24
N VAL A 33 -5.94 -9.32 10.65
CA VAL A 33 -6.51 -8.84 9.38
C VAL A 33 -5.60 -9.31 8.25
N ASN A 34 -6.27 -9.59 7.15
CA ASN A 34 -5.73 -10.23 5.98
C ASN A 34 -5.40 -9.21 4.91
N VAL A 35 -4.13 -9.15 4.50
CA VAL A 35 -3.71 -8.18 3.51
C VAL A 35 -3.28 -8.92 2.24
N TYR A 36 -3.90 -8.59 1.13
CA TYR A 36 -3.64 -9.20 -0.18
C TYR A 36 -2.76 -8.31 -1.02
N VAL A 37 -1.50 -8.70 -1.23
CA VAL A 37 -0.58 -7.88 -2.02
C VAL A 37 -0.58 -8.36 -3.46
N ILE A 38 -1.18 -7.58 -4.34
CA ILE A 38 -1.32 -7.89 -5.76
C ILE A 38 -0.13 -7.22 -6.47
N ASP A 39 0.83 -8.06 -6.85
CA ASP A 39 2.14 -7.54 -7.23
C ASP A 39 2.98 -8.67 -7.81
N THR A 40 4.31 -8.57 -7.66
CA THR A 40 5.21 -9.55 -8.29
C THR A 40 5.37 -10.78 -7.41
N GLY A 41 4.60 -10.88 -6.33
CA GLY A 41 4.75 -12.05 -5.45
C GLY A 41 5.42 -11.60 -4.16
N ILE A 42 5.69 -12.54 -3.27
CA ILE A 42 6.37 -12.24 -2.00
C ILE A 42 7.39 -13.32 -1.66
N ARG A 43 8.59 -12.94 -1.23
CA ARG A 43 9.51 -13.96 -0.71
C ARG A 43 9.01 -14.31 0.68
N THR A 44 8.27 -15.40 0.82
CA THR A 44 7.55 -15.59 2.07
C THR A 44 8.46 -15.95 3.24
N THR A 45 9.67 -16.45 2.96
CA THR A 45 10.53 -16.90 4.05
C THR A 45 11.43 -15.79 4.55
N HIS A 46 11.26 -14.58 3.99
CA HIS A 46 12.05 -13.45 4.48
C HIS A 46 11.85 -13.30 5.99
N ARG A 47 12.96 -13.00 6.66
CA ARG A 47 12.90 -12.90 8.11
C ARG A 47 11.99 -11.77 8.58
N GLU A 48 11.66 -10.76 7.78
CA GLU A 48 10.76 -9.71 8.25
C GLU A 48 9.33 -10.16 8.57
N PHE A 49 8.90 -11.29 8.02
CA PHE A 49 7.50 -11.69 8.07
C PHE A 49 7.22 -12.70 9.20
N GLY A 50 8.26 -13.33 9.73
CA GLY A 50 8.11 -14.32 10.78
C GLY A 50 6.99 -15.31 10.56
N GLY A 51 6.91 -15.93 9.40
CA GLY A 51 5.88 -16.90 9.12
C GLY A 51 4.51 -16.37 8.79
N ARG A 52 4.29 -15.06 8.75
CA ARG A 52 2.96 -14.50 8.53
C ARG A 52 2.62 -14.32 7.06
N ALA A 53 3.59 -14.49 6.16
CA ALA A 53 3.36 -14.33 4.72
C ALA A 53 3.05 -15.67 4.08
N ARG A 54 2.01 -15.74 3.25
CA ARG A 54 1.81 -17.01 2.54
C ARG A 54 1.33 -16.67 1.12
N VAL A 55 1.28 -17.67 0.26
CA VAL A 55 0.87 -17.46 -1.13
C VAL A 55 -0.64 -17.69 -1.25
N GLY A 56 -1.37 -16.80 -1.91
CA GLY A 56 -2.77 -17.03 -2.17
C GLY A 56 -2.98 -17.46 -3.60
N TYR A 57 -2.38 -16.71 -4.54
CA TYR A 57 -2.68 -17.05 -5.95
C TYR A 57 -1.56 -16.61 -6.86
N ASP A 58 -1.33 -17.32 -7.94
CA ASP A 58 -0.30 -16.95 -8.94
C ASP A 58 -0.93 -17.08 -10.32
N ALA A 59 -1.08 -15.97 -11.02
CA ALA A 59 -1.71 -15.90 -12.33
C ALA A 59 -0.78 -16.29 -13.47
N LEU A 60 0.48 -16.65 -13.21
CA LEU A 60 1.44 -16.88 -14.27
C LEU A 60 2.02 -18.29 -14.33
N GLY A 61 1.43 -19.23 -13.61
CA GLY A 61 1.85 -20.61 -13.57
C GLY A 61 2.94 -20.94 -12.58
N GLY A 62 3.32 -19.95 -11.76
CA GLY A 62 4.39 -20.13 -10.81
C GLY A 62 3.85 -20.40 -9.41
N ASN A 63 4.73 -20.32 -8.42
CA ASN A 63 4.46 -20.66 -7.05
C ASN A 63 4.21 -19.45 -6.15
N GLY A 64 3.99 -18.27 -6.73
CA GLY A 64 3.68 -17.11 -5.91
C GLY A 64 4.88 -16.40 -5.34
N GLN A 65 6.10 -16.96 -5.40
CA GLN A 65 7.26 -16.32 -4.82
C GLN A 65 7.74 -15.18 -5.72
N ASP A 66 8.34 -14.18 -5.09
CA ASP A 66 8.81 -12.99 -5.80
C ASP A 66 10.10 -13.23 -6.55
N CYS A 67 10.25 -12.91 -7.84
CA CYS A 67 11.61 -12.95 -8.40
C CYS A 67 11.97 -11.55 -8.91
N ASN A 68 11.25 -10.54 -8.43
CA ASN A 68 11.51 -9.17 -8.89
C ASN A 68 12.01 -8.30 -7.74
N GLY A 69 11.35 -8.38 -6.59
CA GLY A 69 11.72 -7.55 -5.44
C GLY A 69 10.59 -6.64 -5.00
N HIS A 70 9.88 -6.06 -5.96
CA HIS A 70 8.84 -5.09 -5.64
C HIS A 70 7.79 -5.63 -4.67
N GLY A 71 7.23 -6.81 -4.96
CA GLY A 71 6.19 -7.34 -4.08
C GLY A 71 6.65 -7.55 -2.66
N THR A 72 7.90 -7.99 -2.50
CA THR A 72 8.45 -8.28 -1.18
C THR A 72 8.64 -6.98 -0.39
N HIS A 73 9.12 -5.97 -1.13
CA HIS A 73 9.40 -4.63 -0.61
C HIS A 73 8.11 -4.01 -0.10
N VAL A 74 7.10 -4.07 -0.96
CA VAL A 74 5.75 -3.58 -0.63
C VAL A 74 5.18 -4.27 0.59
N ALA A 75 5.27 -5.60 0.61
CA ALA A 75 4.81 -6.43 1.73
C ALA A 75 5.47 -6.05 3.05
N GLY A 76 6.78 -5.79 2.96
CA GLY A 76 7.52 -5.35 4.12
C GLY A 76 7.08 -4.03 4.71
N THR A 77 6.70 -3.05 3.89
CA THR A 77 6.27 -1.74 4.42
C THR A 77 4.91 -1.88 5.06
N ILE A 78 4.12 -2.80 4.48
CA ILE A 78 2.84 -3.06 5.11
C ILE A 78 3.02 -3.78 6.44
N GLY A 79 3.75 -4.89 6.40
CA GLY A 79 3.70 -5.75 7.58
C GLY A 79 4.98 -6.35 8.07
N GLY A 80 6.16 -5.84 7.67
CA GLY A 80 7.39 -6.41 8.21
C GLY A 80 7.64 -5.96 9.64
N VAL A 81 8.24 -6.81 10.47
CA VAL A 81 8.43 -6.48 11.87
C VAL A 81 9.29 -5.24 12.04
N THR A 82 10.32 -5.03 11.23
CA THR A 82 11.09 -3.80 11.28
C THR A 82 10.56 -2.69 10.36
N TYR A 83 10.20 -3.02 9.12
CA TYR A 83 9.89 -1.97 8.15
C TYR A 83 8.41 -1.65 8.01
N GLY A 84 7.58 -2.43 8.69
CA GLY A 84 6.16 -2.42 8.53
C GLY A 84 5.32 -1.57 9.45
N VAL A 85 4.22 -1.06 8.89
CA VAL A 85 3.25 -0.27 9.64
C VAL A 85 2.48 -1.14 10.65
N ALA A 86 2.05 -2.30 10.18
CA ALA A 86 1.12 -3.16 10.93
C ALA A 86 1.83 -4.48 11.18
N LYS A 87 2.50 -4.56 12.33
CA LYS A 87 3.55 -5.57 12.47
C LYS A 87 3.04 -6.98 12.71
N ALA A 88 1.73 -7.23 12.75
CA ALA A 88 1.22 -8.59 12.95
C ALA A 88 0.17 -9.00 11.93
N VAL A 89 0.03 -8.34 10.80
CA VAL A 89 -0.96 -8.76 9.81
C VAL A 89 -0.61 -10.10 9.17
N ASN A 90 -1.61 -10.74 8.60
CA ASN A 90 -1.50 -11.88 7.71
C ASN A 90 -1.23 -11.37 6.29
N LEU A 91 -0.20 -11.79 5.59
CA LEU A 91 0.08 -11.30 4.25
C LEU A 91 -0.18 -12.41 3.24
N TYR A 92 -0.83 -12.13 2.13
CA TYR A 92 -1.05 -13.08 1.06
C TYR A 92 -0.52 -12.60 -0.28
N ALA A 93 0.39 -13.36 -0.87
CA ALA A 93 0.89 -13.03 -2.20
C ALA A 93 -0.16 -13.34 -3.26
N VAL A 94 -0.46 -12.33 -4.06
CA VAL A 94 -1.32 -12.55 -5.22
C VAL A 94 -0.47 -12.15 -6.41
N ARG A 95 0.22 -13.09 -7.01
CA ARG A 95 1.28 -12.78 -7.95
C ARG A 95 0.74 -12.61 -9.37
N VAL A 96 0.77 -11.39 -9.90
CA VAL A 96 0.27 -11.13 -11.23
C VAL A 96 1.32 -10.48 -12.14
N LEU A 97 2.55 -10.29 -11.72
CA LEU A 97 3.63 -9.71 -12.52
C LEU A 97 4.86 -10.60 -12.59
N ASP A 98 5.62 -10.60 -13.68
CA ASP A 98 6.72 -11.57 -13.75
C ASP A 98 7.99 -11.06 -13.09
N CYS A 99 9.11 -11.77 -13.26
CA CYS A 99 10.36 -11.38 -12.63
C CYS A 99 10.80 -10.00 -13.08
N ASN A 100 10.39 -9.60 -14.28
CA ASN A 100 10.69 -8.25 -14.75
C ASN A 100 9.64 -7.22 -14.38
N GLY A 101 8.66 -7.63 -13.59
CA GLY A 101 7.59 -6.71 -13.17
C GLY A 101 6.64 -6.36 -14.31
N SER A 102 6.54 -7.22 -15.33
CA SER A 102 5.57 -6.94 -16.39
C SER A 102 4.46 -7.99 -16.37
N GLY A 103 3.31 -7.67 -16.94
CA GLY A 103 2.21 -8.64 -16.99
C GLY A 103 1.04 -8.07 -17.76
N SER A 104 0.18 -8.91 -18.33
CA SER A 104 -0.94 -8.35 -19.06
C SER A 104 -1.96 -7.81 -18.08
N THR A 105 -2.79 -6.87 -18.49
CA THR A 105 -3.90 -6.47 -17.62
C THR A 105 -4.82 -7.61 -17.27
N SER A 106 -4.93 -8.58 -18.19
CA SER A 106 -5.84 -9.68 -17.96
C SER A 106 -5.47 -10.46 -16.70
N GLY A 107 -4.17 -10.65 -16.54
CA GLY A 107 -3.66 -11.40 -15.38
C GLY A 107 -3.86 -10.57 -14.12
N VAL A 108 -3.73 -9.23 -14.26
CA VAL A 108 -3.96 -8.40 -13.08
C VAL A 108 -5.40 -8.58 -12.67
N ILE A 109 -6.28 -8.57 -13.67
CA ILE A 109 -7.70 -8.69 -13.31
C ILE A 109 -7.99 -10.05 -12.71
N ALA A 110 -7.33 -11.10 -13.21
CA ALA A 110 -7.50 -12.41 -12.61
C ALA A 110 -7.17 -12.38 -11.12
N GLY A 111 -6.13 -11.66 -10.73
CA GLY A 111 -5.77 -11.64 -9.31
C GLY A 111 -6.77 -10.80 -8.53
N VAL A 112 -7.26 -9.71 -9.12
CA VAL A 112 -8.31 -8.92 -8.42
C VAL A 112 -9.56 -9.76 -8.20
N ASP A 113 -10.07 -10.43 -9.22
CA ASP A 113 -11.20 -11.36 -9.06
C ASP A 113 -10.94 -12.47 -8.07
N TRP A 114 -9.74 -13.04 -8.01
CA TRP A 114 -9.43 -14.05 -6.98
C TRP A 114 -9.65 -13.46 -5.59
N VAL A 115 -9.18 -12.23 -5.35
CA VAL A 115 -9.31 -11.61 -4.03
C VAL A 115 -10.79 -11.42 -3.72
N THR A 116 -11.55 -10.97 -4.73
CA THR A 116 -12.98 -10.77 -4.52
C THR A 116 -13.67 -12.03 -4.00
N ARG A 117 -13.41 -13.15 -4.65
CA ARG A 117 -14.10 -14.38 -4.27
C ARG A 117 -13.41 -15.13 -3.15
N ASN A 118 -12.12 -14.95 -2.91
CA ASN A 118 -11.44 -15.77 -1.91
C ASN A 118 -11.01 -15.03 -0.67
N HIS A 119 -11.13 -13.71 -0.58
CA HIS A 119 -10.68 -13.04 0.64
C HIS A 119 -11.47 -13.48 1.87
N ARG A 120 -10.91 -13.30 3.05
CA ARG A 120 -11.56 -13.42 4.34
C ARG A 120 -11.60 -12.06 5.05
N ARG A 121 -12.74 -11.62 5.57
CA ARG A 121 -12.72 -10.33 6.28
C ARG A 121 -12.04 -10.52 7.61
N PRO A 122 -11.46 -9.47 8.19
CA PRO A 122 -11.36 -8.15 7.55
C PRO A 122 -10.23 -8.19 6.52
N ALA A 123 -10.39 -7.51 5.38
CA ALA A 123 -9.44 -7.67 4.29
C ALA A 123 -9.04 -6.34 3.63
N VAL A 124 -7.76 -6.25 3.31
CA VAL A 124 -7.15 -5.11 2.67
C VAL A 124 -6.39 -5.56 1.44
N ALA A 125 -6.55 -4.87 0.31
CA ALA A 125 -5.73 -5.26 -0.84
C ALA A 125 -4.83 -4.08 -1.23
N ASN A 126 -3.60 -4.40 -1.58
CA ASN A 126 -2.64 -3.38 -2.00
C ASN A 126 -2.33 -3.55 -3.50
N MET A 127 -2.54 -2.50 -4.29
CA MET A 127 -2.14 -2.50 -5.69
C MET A 127 -1.11 -1.41 -5.98
N SER A 128 0.16 -1.76 -5.84
CA SER A 128 1.26 -0.86 -6.14
C SER A 128 1.64 -1.02 -7.60
N LEU A 129 0.68 -0.74 -8.46
CA LEU A 129 0.92 -0.82 -9.90
C LEU A 129 -0.09 0.11 -10.56
N GLY A 130 0.08 0.34 -11.86
CA GLY A 130 -0.78 1.23 -12.60
C GLY A 130 -0.44 1.20 -14.09
N GLY A 131 -1.33 1.73 -14.91
CA GLY A 131 -1.16 1.73 -16.36
C GLY A 131 -2.27 2.57 -16.96
N GLY A 132 -2.40 2.54 -18.27
CA GLY A 132 -3.34 3.43 -18.94
C GLY A 132 -4.75 3.08 -18.49
N VAL A 133 -5.72 3.91 -18.87
CA VAL A 133 -7.12 3.76 -18.53
C VAL A 133 -7.60 2.38 -18.97
N SER A 134 -8.29 1.67 -18.11
CA SER A 134 -8.85 0.35 -18.42
C SER A 134 -10.17 0.19 -17.70
N THR A 135 -11.27 0.29 -18.45
CA THR A 135 -12.55 0.17 -17.74
C THR A 135 -12.73 -1.23 -17.19
N ALA A 136 -12.19 -2.27 -17.84
CA ALA A 136 -12.38 -3.59 -17.25
C ALA A 136 -11.61 -3.72 -15.93
N LEU A 137 -10.41 -3.13 -15.84
CA LEU A 137 -9.70 -3.21 -14.54
C LEU A 137 -10.42 -2.36 -13.50
N ASP A 138 -10.86 -1.15 -13.88
CA ASP A 138 -11.62 -0.32 -12.95
C ASP A 138 -12.83 -1.06 -12.37
N ASN A 139 -13.56 -1.77 -13.22
CA ASN A 139 -14.78 -2.47 -12.81
C ASN A 139 -14.45 -3.64 -11.90
N ALA A 140 -13.34 -4.32 -12.22
CA ALA A 140 -12.99 -5.43 -11.33
C ALA A 140 -12.58 -4.89 -9.97
N VAL A 141 -11.87 -3.76 -9.91
CA VAL A 141 -11.55 -3.23 -8.58
C VAL A 141 -12.81 -2.72 -7.89
N LYS A 142 -13.74 -2.08 -8.60
CA LYS A 142 -14.96 -1.61 -7.95
C LYS A 142 -15.80 -2.76 -7.38
N ASN A 143 -15.87 -3.86 -8.13
CA ASN A 143 -16.59 -5.06 -7.68
C ASN A 143 -15.98 -5.70 -6.44
N SER A 144 -14.65 -5.68 -6.38
CA SER A 144 -13.94 -6.21 -5.22
C SER A 144 -14.20 -5.37 -3.99
N ILE A 145 -14.16 -4.03 -4.11
CA ILE A 145 -14.51 -3.14 -3.01
C ILE A 145 -15.97 -3.30 -2.61
N ALA A 146 -16.90 -3.43 -3.55
CA ALA A 146 -18.28 -3.68 -3.19
C ALA A 146 -18.46 -4.99 -2.42
N ALA A 147 -17.59 -5.97 -2.65
CA ALA A 147 -17.62 -7.26 -1.99
C ALA A 147 -17.09 -7.15 -0.56
N GLY A 148 -16.53 -5.98 -0.25
CA GLY A 148 -16.12 -5.73 1.13
C GLY A 148 -14.63 -5.59 1.37
N VAL A 149 -13.83 -5.59 0.31
CA VAL A 149 -12.40 -5.40 0.50
C VAL A 149 -11.96 -3.95 0.35
N VAL A 150 -11.18 -3.44 1.30
CA VAL A 150 -10.55 -2.13 1.22
C VAL A 150 -9.34 -2.15 0.29
N TYR A 151 -9.33 -1.27 -0.70
CA TYR A 151 -8.21 -1.20 -1.64
C TYR A 151 -7.41 0.10 -1.46
N ALA A 152 -6.10 -0.07 -1.44
CA ALA A 152 -5.20 1.08 -1.58
C ALA A 152 -4.42 0.91 -2.87
N VAL A 153 -4.36 1.91 -3.74
CA VAL A 153 -3.73 1.81 -5.04
C VAL A 153 -2.79 2.99 -5.26
N ALA A 154 -1.71 2.74 -6.02
CA ALA A 154 -0.73 3.80 -6.29
C ALA A 154 -1.31 4.87 -7.20
N ALA A 155 -1.01 6.14 -6.97
CA ALA A 155 -1.46 7.16 -7.91
C ALA A 155 -0.73 7.07 -9.25
N GLY A 156 0.52 6.58 -9.23
CA GLY A 156 1.32 6.43 -10.43
C GLY A 156 2.47 7.42 -10.44
N ASN A 157 3.50 7.20 -11.26
CA ASN A 157 4.72 7.98 -11.16
C ASN A 157 5.00 8.78 -12.44
N ASP A 158 3.95 9.35 -12.99
CA ASP A 158 4.03 10.06 -14.27
C ASP A 158 4.13 11.57 -14.15
N ASN A 159 4.24 12.07 -12.92
CA ASN A 159 4.18 13.51 -12.70
C ASN A 159 3.00 14.11 -13.45
N ALA A 160 1.87 13.39 -13.42
CA ALA A 160 0.71 13.76 -14.22
C ALA A 160 -0.58 13.68 -13.43
N ASN A 161 -1.68 14.01 -14.11
CA ASN A 161 -2.98 13.88 -13.45
C ASN A 161 -3.38 12.42 -13.28
N ALA A 162 -3.56 11.95 -12.05
CA ALA A 162 -3.87 10.57 -11.71
C ALA A 162 -5.19 10.09 -12.27
N CYS A 163 -6.09 10.98 -12.68
CA CYS A 163 -7.36 10.51 -13.20
C CYS A 163 -7.17 9.81 -14.54
N ASN A 164 -6.00 9.95 -15.15
CA ASN A 164 -5.79 9.35 -16.47
C ASN A 164 -5.26 7.92 -16.38
N TYR A 165 -5.28 7.33 -15.20
CA TYR A 165 -4.65 6.02 -15.04
C TYR A 165 -5.56 5.05 -14.30
N SER A 166 -5.37 3.75 -14.53
CA SER A 166 -6.11 2.68 -13.89
C SER A 166 -5.17 1.79 -13.08
N PRO A 167 -5.54 1.41 -11.87
CA PRO A 167 -6.80 1.76 -11.23
C PRO A 167 -6.79 3.02 -10.37
N ALA A 168 -5.77 3.86 -10.51
CA ALA A 168 -5.70 5.09 -9.71
C ALA A 168 -7.00 5.89 -9.74
N ARG A 169 -7.65 5.96 -10.91
CA ARG A 169 -8.81 6.84 -11.02
C ARG A 169 -10.08 6.29 -10.38
N VAL A 170 -10.06 5.12 -9.76
CA VAL A 170 -11.27 4.59 -9.13
C VAL A 170 -11.60 5.36 -7.86
N ALA A 171 -12.79 5.97 -7.78
CA ALA A 171 -13.13 6.85 -6.66
C ALA A 171 -13.19 6.09 -5.35
N GLU A 172 -13.70 4.86 -5.39
CA GLU A 172 -13.89 4.05 -4.18
C GLU A 172 -12.61 3.46 -3.60
N ALA A 173 -11.53 3.42 -4.35
CA ALA A 173 -10.23 2.98 -3.85
C ALA A 173 -9.51 4.12 -3.16
N LEU A 174 -8.66 3.84 -2.17
CA LEU A 174 -7.81 4.92 -1.66
C LEU A 174 -6.65 5.13 -2.63
N THR A 175 -6.56 6.32 -3.22
CA THR A 175 -5.51 6.55 -4.23
C THR A 175 -4.36 7.36 -3.63
N VAL A 176 -3.16 6.81 -3.65
CA VAL A 176 -2.06 7.34 -2.85
C VAL A 176 -0.91 7.99 -3.61
N GLY A 177 -0.62 9.26 -3.32
CA GLY A 177 0.55 9.91 -3.98
C GLY A 177 1.76 9.87 -3.05
N ALA A 178 2.95 10.29 -3.48
CA ALA A 178 4.18 10.14 -2.71
C ALA A 178 4.77 11.47 -2.27
N THR A 179 5.27 11.53 -1.04
CA THR A 179 5.96 12.73 -0.58
C THR A 179 7.37 12.41 -0.13
N THR A 180 8.18 13.46 0.07
CA THR A 180 9.53 13.29 0.55
C THR A 180 9.66 13.66 2.02
N SER A 181 10.85 13.40 2.57
CA SER A 181 10.98 13.69 4.01
C SER A 181 10.96 15.17 4.32
N SER A 182 10.94 16.05 3.31
CA SER A 182 10.75 17.48 3.50
C SER A 182 9.29 17.92 3.38
N ASP A 183 8.39 16.95 3.36
CA ASP A 183 6.95 17.16 3.23
C ASP A 183 6.63 17.82 1.89
N ALA A 184 7.38 17.50 0.85
CA ALA A 184 7.00 18.01 -0.48
C ALA A 184 6.51 16.85 -1.34
N ARG A 185 5.71 17.10 -2.38
CA ARG A 185 5.38 16.09 -3.37
C ARG A 185 6.66 15.60 -4.02
N ALA A 186 6.85 14.28 -4.04
CA ALA A 186 7.99 13.74 -4.81
C ALA A 186 7.82 14.17 -6.26
N SER A 187 8.91 14.52 -6.94
CA SER A 187 8.84 15.06 -8.30
C SER A 187 8.18 14.12 -9.32
N PHE A 188 8.13 12.82 -9.09
CA PHE A 188 7.51 11.87 -10.01
C PHE A 188 6.04 11.61 -9.73
N SER A 189 5.57 12.07 -8.56
CA SER A 189 4.27 11.61 -8.11
C SER A 189 3.13 12.17 -8.94
N ASN A 190 2.22 11.31 -9.35
CA ASN A 190 0.95 11.78 -9.92
C ASN A 190 0.21 12.61 -8.88
N TYR A 191 -0.73 13.43 -9.34
CA TYR A 191 -1.42 14.31 -8.40
C TYR A 191 -2.80 14.66 -8.90
N GLY A 192 -3.46 15.61 -8.23
CA GLY A 192 -4.77 16.09 -8.69
C GLY A 192 -5.94 15.52 -7.92
N SER A 193 -7.16 15.76 -8.41
CA SER A 193 -8.36 15.42 -7.67
C SER A 193 -8.63 13.93 -7.55
N CYS A 194 -8.00 13.06 -8.32
CA CYS A 194 -8.22 11.62 -8.12
C CYS A 194 -7.29 11.01 -7.08
N VAL A 195 -6.38 11.85 -6.57
CA VAL A 195 -5.51 11.42 -5.46
C VAL A 195 -6.22 11.67 -4.14
N ASP A 196 -6.33 10.67 -3.26
CA ASP A 196 -7.07 10.86 -2.01
C ASP A 196 -6.21 11.39 -0.86
N LEU A 197 -4.96 10.97 -0.83
CA LEU A 197 -3.98 11.47 0.13
C LEU A 197 -2.57 11.06 -0.30
N PHE A 198 -1.60 11.58 0.44
CA PHE A 198 -0.18 11.37 0.19
C PHE A 198 0.40 10.65 1.41
N ALA A 199 1.51 9.97 1.19
CA ALA A 199 2.24 9.21 2.20
C ALA A 199 3.71 9.14 1.82
N PRO A 200 4.59 8.82 2.75
CA PRO A 200 6.02 8.78 2.37
C PRO A 200 6.26 7.82 1.21
N GLY A 201 7.01 8.26 0.20
CA GLY A 201 7.29 7.44 -0.97
C GLY A 201 8.64 7.71 -1.59
N ALA A 202 9.59 8.32 -0.87
CA ALA A 202 10.93 8.45 -1.48
C ALA A 202 11.94 7.87 -0.50
N SER A 203 12.91 7.09 -0.92
CA SER A 203 13.93 6.54 -0.04
C SER A 203 13.34 5.70 1.08
N ILE A 204 12.45 4.80 0.71
CA ILE A 204 11.79 3.91 1.65
C ILE A 204 12.52 2.58 1.72
N PRO A 205 13.03 2.20 2.88
CA PRO A 205 13.76 0.93 2.99
C PRO A 205 12.79 -0.18 3.34
N SER A 206 13.02 -1.38 2.79
CA SER A 206 12.18 -2.52 3.14
C SER A 206 12.92 -3.79 2.71
N ALA A 207 12.26 -4.92 2.86
CA ALA A 207 12.78 -6.22 2.47
C ALA A 207 12.91 -6.38 0.96
N TRP A 208 13.71 -7.33 0.52
CA TRP A 208 13.95 -7.61 -0.89
C TRP A 208 14.00 -9.11 -1.11
N TYR A 209 13.88 -9.57 -2.36
CA TYR A 209 13.71 -11.00 -2.58
C TYR A 209 14.99 -11.80 -2.64
N THR A 210 16.19 -11.25 -2.75
CA THR A 210 17.36 -12.06 -3.13
C THR A 210 17.87 -13.02 -2.07
N SER A 211 17.45 -12.85 -0.83
CA SER A 211 17.82 -13.65 0.33
C SER A 211 16.80 -13.44 1.44
N ASP A 212 16.87 -14.21 2.52
CA ASP A 212 15.91 -14.05 3.60
C ASP A 212 16.26 -12.84 4.47
N THR A 213 17.40 -12.22 4.22
CA THR A 213 17.79 -11.05 5.00
C THR A 213 17.95 -9.83 4.11
N ALA A 214 17.75 -9.92 2.81
CA ALA A 214 18.10 -8.78 1.95
C ALA A 214 17.16 -7.61 2.13
N THR A 215 17.65 -6.40 1.87
CA THR A 215 16.84 -5.19 1.94
C THR A 215 17.18 -4.32 0.74
N GLN A 216 16.36 -3.34 0.48
CA GLN A 216 16.55 -2.42 -0.64
C GLN A 216 15.85 -1.11 -0.31
N THR A 217 16.41 0.01 -0.77
CA THR A 217 15.72 1.28 -0.62
C THR A 217 15.16 1.76 -1.95
N LEU A 218 13.87 2.10 -2.03
CA LEU A 218 13.19 2.45 -3.26
C LEU A 218 12.38 3.75 -3.17
N ASN A 219 12.09 4.27 -4.37
CA ASN A 219 11.29 5.46 -4.57
C ASN A 219 10.07 5.15 -5.46
N GLY A 220 8.92 5.68 -5.05
CA GLY A 220 7.77 5.59 -5.95
C GLY A 220 6.47 5.67 -5.19
N THR A 221 5.40 5.97 -5.96
CA THR A 221 4.09 5.92 -5.33
C THR A 221 3.78 4.46 -4.94
N SER A 222 4.47 3.48 -5.54
CA SER A 222 4.32 2.10 -5.09
C SER A 222 4.76 1.86 -3.65
N MET A 223 5.63 2.72 -3.14
CA MET A 223 6.15 2.66 -1.78
C MET A 223 5.28 3.44 -0.79
N ALA A 224 4.55 4.45 -1.27
CA ALA A 224 3.63 5.24 -0.44
C ALA A 224 2.39 4.42 -0.08
N THR A 225 1.86 3.76 -1.10
CA THR A 225 0.62 2.99 -1.01
C THR A 225 0.61 1.99 0.14
N PRO A 226 1.61 1.13 0.31
CA PRO A 226 1.55 0.17 1.44
C PRO A 226 1.53 0.85 2.81
N HIS A 227 1.98 2.11 2.95
CA HIS A 227 1.83 2.72 4.28
C HIS A 227 0.34 2.84 4.58
N VAL A 228 -0.41 3.28 3.57
CA VAL A 228 -1.86 3.46 3.73
C VAL A 228 -2.54 2.11 3.94
N ALA A 229 -2.18 1.07 3.19
CA ALA A 229 -2.72 -0.27 3.43
C ALA A 229 -2.49 -0.67 4.89
N GLY A 230 -1.27 -0.44 5.37
CA GLY A 230 -0.93 -0.80 6.77
C GLY A 230 -1.83 -0.07 7.74
N VAL A 231 -2.16 1.19 7.44
CA VAL A 231 -2.98 1.93 8.43
C VAL A 231 -4.42 1.44 8.38
N ALA A 232 -4.86 1.04 7.19
CA ALA A 232 -6.18 0.44 7.10
C ALA A 232 -6.24 -0.81 7.96
N ALA A 233 -5.18 -1.63 7.90
CA ALA A 233 -5.14 -2.83 8.75
C ALA A 233 -5.16 -2.48 10.23
N LEU A 234 -4.47 -1.40 10.63
CA LEU A 234 -4.54 -1.01 12.03
C LEU A 234 -5.97 -0.70 12.46
N TYR A 235 -6.69 -0.01 11.57
CA TYR A 235 -8.04 0.45 11.91
C TYR A 235 -8.99 -0.73 11.99
N LEU A 236 -8.88 -1.63 11.01
CA LEU A 236 -9.76 -2.80 10.93
C LEU A 236 -9.52 -3.74 12.11
N GLU A 237 -8.33 -3.74 12.68
CA GLU A 237 -8.14 -4.61 13.84
C GLU A 237 -9.12 -4.24 14.96
N GLN A 238 -9.29 -2.95 15.18
CA GLN A 238 -10.14 -2.45 16.25
C GLN A 238 -11.59 -2.31 15.81
N ASN A 239 -11.84 -2.31 14.50
CA ASN A 239 -13.18 -2.15 13.95
C ASN A 239 -13.44 -3.17 12.86
N PRO A 240 -13.41 -4.47 13.14
CA PRO A 240 -13.45 -5.46 12.07
C PRO A 240 -14.74 -5.48 11.27
N SER A 241 -15.81 -4.87 11.74
CA SER A 241 -17.09 -4.82 11.03
C SER A 241 -17.16 -3.68 10.02
N ALA A 242 -16.25 -2.72 10.06
CA ALA A 242 -16.29 -1.56 9.19
C ALA A 242 -16.25 -1.91 7.70
N THR A 243 -17.08 -1.21 6.92
CA THR A 243 -17.10 -1.31 5.46
C THR A 243 -15.92 -0.54 4.88
N PRO A 244 -15.53 -0.87 3.65
CA PRO A 244 -14.46 -0.09 3.00
C PRO A 244 -14.75 1.41 3.02
N ALA A 245 -16.01 1.80 2.78
CA ALA A 245 -16.31 3.23 2.84
C ALA A 245 -15.97 3.84 4.19
N SER A 246 -16.30 3.17 5.29
CA SER A 246 -15.99 3.72 6.60
C SER A 246 -14.50 3.77 6.91
N VAL A 247 -13.74 2.79 6.45
CA VAL A 247 -12.29 2.76 6.66
C VAL A 247 -11.66 3.94 5.93
N ALA A 248 -12.05 4.09 4.65
CA ALA A 248 -11.52 5.22 3.89
C ALA A 248 -11.85 6.52 4.61
N SER A 249 -13.08 6.62 5.11
CA SER A 249 -13.48 7.89 5.72
C SER A 249 -12.70 8.17 7.00
N ALA A 250 -12.36 7.12 7.74
CA ALA A 250 -11.63 7.32 9.00
C ALA A 250 -10.22 7.80 8.72
N ILE A 251 -9.62 7.17 7.70
CA ILE A 251 -8.26 7.58 7.35
C ILE A 251 -8.25 8.99 6.77
N LEU A 252 -9.21 9.33 5.90
CA LEU A 252 -9.14 10.66 5.30
C LEU A 252 -9.49 11.74 6.31
N ASN A 253 -10.54 11.47 7.11
CA ASN A 253 -10.83 12.47 8.14
C ASN A 253 -9.71 12.60 9.16
N GLY A 254 -8.91 11.56 9.36
CA GLY A 254 -7.90 11.62 10.43
C GLY A 254 -6.56 12.13 9.92
N ALA A 255 -6.47 12.33 8.62
CA ALA A 255 -5.24 12.68 7.92
C ALA A 255 -4.70 14.02 8.40
N THR A 256 -3.40 14.19 8.34
CA THR A 256 -2.77 15.47 8.66
C THR A 256 -2.99 16.48 7.55
N THR A 257 -3.49 17.68 7.83
CA THR A 257 -3.76 18.55 6.69
C THR A 257 -2.92 19.82 6.71
N GLY A 258 -2.61 20.34 5.54
CA GLY A 258 -1.95 21.64 5.44
C GLY A 258 -0.45 21.59 5.56
N ARG A 259 0.15 20.40 5.68
CA ARG A 259 1.60 20.38 5.90
C ARG A 259 2.41 20.24 4.63
N LEU A 260 1.76 19.90 3.51
CA LEU A 260 2.52 19.52 2.33
C LEU A 260 2.79 20.70 1.40
N SER A 261 3.91 20.64 0.68
CA SER A 261 4.16 21.69 -0.31
C SER A 261 4.20 21.11 -1.71
N GLY A 262 3.88 21.89 -2.73
CA GLY A 262 4.06 21.51 -4.11
C GLY A 262 3.16 20.41 -4.61
N ILE A 263 1.97 20.25 -4.03
CA ILE A 263 1.14 19.09 -4.31
C ILE A 263 0.34 19.17 -5.61
N GLY A 264 0.20 20.36 -6.17
CA GLY A 264 -0.42 20.51 -7.48
C GLY A 264 -1.90 20.84 -7.45
N SER A 265 -2.43 21.31 -8.57
CA SER A 265 -3.82 21.73 -8.65
C SER A 265 -4.78 20.53 -8.52
N GLY A 266 -5.83 20.74 -7.74
CA GLY A 266 -6.82 19.75 -7.41
C GLY A 266 -6.34 18.77 -6.33
N SER A 267 -5.06 18.71 -5.97
CA SER A 267 -4.67 17.73 -4.94
C SER A 267 -5.14 18.09 -3.55
N PRO A 268 -5.56 17.10 -2.75
CA PRO A 268 -5.91 17.40 -1.35
C PRO A 268 -4.65 17.52 -0.50
N ASN A 269 -4.61 18.47 0.43
CA ASN A 269 -3.39 18.60 1.26
C ASN A 269 -3.54 17.73 2.50
N ARG A 270 -3.42 16.42 2.28
CA ARG A 270 -3.63 15.39 3.28
C ARG A 270 -2.45 14.42 3.28
N LEU A 271 -1.94 14.19 4.49
CA LEU A 271 -0.80 13.31 4.68
C LEU A 271 -1.23 12.24 5.66
N LEU A 272 -0.94 10.99 5.33
CA LEU A 272 -1.33 9.86 6.19
C LEU A 272 -0.94 10.03 7.64
N TYR A 273 -1.86 9.70 8.54
CA TYR A 273 -1.65 9.74 9.98
C TYR A 273 -2.09 8.40 10.58
N SER A 274 -1.29 7.77 11.44
CA SER A 274 -1.59 6.37 11.74
C SER A 274 -2.38 6.19 13.01
N LEU A 275 -2.40 7.23 13.85
CA LEU A 275 -2.95 7.08 15.20
C LEU A 275 -4.43 7.44 15.19
N LEU A 276 -5.20 6.59 14.53
CA LEU A 276 -6.63 6.81 14.40
C LEU A 276 -7.38 6.16 15.58
C PMS B . 6.27 2.69 -8.05
S PMS B . 4.72 1.83 -8.26
C1 PMS B . 7.57 1.91 -8.09
C2 PMS B . 7.77 0.73 -8.73
C3 PMS B . 8.85 -0.07 -8.88
C4 PMS B . 10.05 0.29 -8.25
C5 PMS B . 9.97 1.51 -7.54
C6 PMS B . 8.79 2.29 -7.46
O2S PMS B . 3.62 2.56 -8.78
O1S PMS B . 5.06 0.86 -9.41
CA CA C . 7.60 9.78 14.62
CA CA D . -9.52 7.02 -5.32
#